data_2O69
#
_entry.id   2O69
#
_cell.length_a   105.612
_cell.length_b   75.429
_cell.length_c   33.436
_cell.angle_alpha   90.00
_cell.angle_beta   90.00
_cell.angle_gamma   90.00
#
_symmetry.space_group_name_H-M   'P 21 21 2'
#
loop_
_entity.id
_entity.type
_entity.pdbx_description
1 polymer 'Iron-utilization periplasmic protein'
2 non-polymer 'FE (III) ION'
3 water water
#
_entity_poly.entity_id   1
_entity_poly.type   'polypeptide(L)'
_entity_poly.pdbx_seq_one_letter_code
;DITVYNGQHKEAATAVAKAFEQETGIKVTLNSGKSEQLAGQLKEEGDKTPADVFYTEQTATFADLSEAGLLAPISEQTIQ
QTAQKGVPLAPKKDWIALSGRSRVVVYDHTKLSEKDMEKSVLDYATPKWKGKIGYVSTSGAFLEQVVALSKMKGDKVALN
WLKGLKENGKLYAKNSVALQAVENGEVPAALILNYYWYNLAKEKGVENLKSRLYFVRHQDPGALVSYSGAAVLKASKNQA
EAQKFVDFLASKKGQEALVAARAEYPLRADVVSPFNLEPYEKLEAPVVSATTAQDKEHAIKLIEEAGLK
;
_entity_poly.pdbx_strand_id   A
#
loop_
_chem_comp.id
_chem_comp.type
_chem_comp.name
_chem_comp.formula
FE non-polymer 'FE (III) ION' 'Fe 3'
#
# COMPACT_ATOMS: atom_id res chain seq x y z
N ASP A 1 -5.54 26.81 -10.14
CA ASP A 1 -4.55 26.15 -9.21
C ASP A 1 -5.36 25.30 -8.25
N ILE A 2 -4.79 24.19 -7.76
CA ILE A 2 -5.57 23.40 -6.82
C ILE A 2 -4.87 23.11 -5.52
N THR A 3 -5.66 22.79 -4.50
CA THR A 3 -5.24 22.30 -3.21
C THR A 3 -5.45 20.77 -3.06
N VAL A 4 -4.35 20.07 -2.76
CA VAL A 4 -4.39 18.63 -2.58
C VAL A 4 -4.07 18.30 -1.11
N TYR A 5 -5.06 17.77 -0.39
CA TYR A 5 -4.78 17.13 0.89
C TYR A 5 -4.07 15.78 0.63
N ASN A 6 -2.86 15.65 1.20
CA ASN A 6 -1.91 14.59 0.85
C ASN A 6 -1.56 13.70 2.02
N GLY A 7 -2.07 12.46 2.00
CA GLY A 7 -1.70 11.40 2.91
C GLY A 7 -0.60 10.49 2.41
N GLN A 8 -0.19 10.62 1.15
CA GLN A 8 0.88 9.82 0.57
C GLN A 8 2.26 10.35 0.94
N HIS A 9 3.27 9.49 0.79
CA HIS A 9 4.68 9.89 0.89
C HIS A 9 4.97 11.16 0.10
N LYS A 10 5.73 12.08 0.68
CA LYS A 10 5.97 13.38 0.05
C LYS A 10 6.76 13.32 -1.27
N GLU A 11 7.71 12.40 -1.42
CA GLU A 11 8.34 12.21 -2.76
C GLU A 11 7.33 11.76 -3.84
N ALA A 12 6.42 10.85 -3.55
CA ALA A 12 5.35 10.53 -4.49
C ALA A 12 4.50 11.74 -4.90
N ALA A 13 3.89 12.39 -3.89
CA ALA A 13 3.03 13.56 -4.07
C ALA A 13 3.74 14.67 -4.84
N THR A 14 4.97 14.99 -4.43
CA THR A 14 5.72 16.12 -5.04
C THR A 14 5.97 15.83 -6.50
N ALA A 15 6.30 14.59 -6.80
CA ALA A 15 6.68 14.20 -8.12
C ALA A 15 5.49 14.21 -9.11
N VAL A 16 4.32 13.68 -8.70
CA VAL A 16 3.12 13.75 -9.57
C VAL A 16 2.64 15.23 -9.69
N ALA A 17 2.74 15.99 -8.59
CA ALA A 17 2.31 17.40 -8.56
C ALA A 17 3.14 18.22 -9.56
N LYS A 18 4.46 17.98 -9.61
CA LYS A 18 5.36 18.64 -10.55
C LYS A 18 5.16 18.19 -12.01
N ALA A 19 5.06 16.90 -12.27
CA ALA A 19 4.67 16.48 -13.60
C ALA A 19 3.32 17.06 -14.02
N PHE A 20 2.37 17.23 -13.07
CA PHE A 20 1.09 17.86 -13.38
C PHE A 20 1.33 19.28 -13.89
N GLU A 21 1.96 20.11 -13.06
CA GLU A 21 2.24 21.52 -13.40
C GLU A 21 2.87 21.60 -14.80
N GLN A 22 3.85 20.72 -15.07
CA GLN A 22 4.58 20.71 -16.33
C GLN A 22 3.67 20.45 -17.52
N GLU A 23 2.76 19.48 -17.41
CA GLU A 23 1.85 19.08 -18.47
C GLU A 23 0.65 20.05 -18.73
N THR A 24 0.19 20.76 -17.72
CA THR A 24 -1.08 21.50 -17.77
C THR A 24 -0.93 23.01 -17.53
N GLY A 25 0.09 23.39 -16.78
CA GLY A 25 0.28 24.75 -16.28
C GLY A 25 -0.44 25.10 -14.97
N ILE A 26 -1.11 24.12 -14.36
CA ILE A 26 -1.90 24.34 -13.13
C ILE A 26 -1.06 24.06 -11.91
N LYS A 27 -0.91 25.06 -11.01
CA LYS A 27 -0.13 24.86 -9.79
C LYS A 27 -0.87 23.98 -8.77
N VAL A 28 -0.13 23.08 -8.13
CA VAL A 28 -0.66 22.22 -7.08
C VAL A 28 -0.05 22.63 -5.76
N THR A 29 -0.85 23.00 -4.77
CA THR A 29 -0.37 23.10 -3.39
C THR A 29 -0.76 21.89 -2.53
N LEU A 30 0.23 21.23 -1.96
CA LEU A 30 -0.01 20.11 -1.03
C LEU A 30 -0.27 20.56 0.41
N ASN A 31 -1.32 20.03 1.03
CA ASN A 31 -1.47 20.04 2.47
C ASN A 31 -1.30 18.61 2.95
N SER A 32 -0.11 18.29 3.48
CA SER A 32 0.20 16.93 3.94
C SER A 32 -0.12 16.68 5.41
N GLY A 33 -0.33 15.39 5.71
CA GLY A 33 -0.81 14.92 6.99
C GLY A 33 -1.03 13.41 6.89
N LYS A 34 -1.29 12.79 8.03
CA LYS A 34 -1.82 11.42 8.02
C LYS A 34 -3.21 11.30 7.40
N SER A 35 -3.38 10.27 6.59
CA SER A 35 -4.64 10.10 5.86
C SER A 35 -5.85 10.12 6.74
N GLU A 36 -5.77 9.44 7.90
CA GLU A 36 -6.88 9.39 8.85
C GLU A 36 -7.22 10.77 9.46
N GLN A 37 -6.18 11.55 9.72
CA GLN A 37 -6.37 12.92 10.25
C GLN A 37 -7.05 13.80 9.18
N LEU A 38 -6.50 13.72 7.97
CA LEU A 38 -7.05 14.43 6.80
C LEU A 38 -8.51 14.06 6.50
N ALA A 39 -8.88 12.79 6.59
CA ALA A 39 -10.26 12.39 6.31
C ALA A 39 -11.21 13.03 7.36
N GLY A 40 -10.77 13.02 8.61
CA GLY A 40 -11.52 13.59 9.71
C GLY A 40 -11.71 15.07 9.45
N GLN A 41 -10.64 15.73 9.03
CA GLN A 41 -10.66 17.16 8.80
C GLN A 41 -11.63 17.49 7.62
N LEU A 42 -11.54 16.73 6.54
CA LEU A 42 -12.46 16.84 5.38
C LEU A 42 -13.91 16.65 5.79
N LYS A 43 -14.21 15.68 6.67
CA LYS A 43 -15.60 15.56 7.19
C LYS A 43 -16.05 16.74 8.08
N GLU A 44 -15.19 17.26 8.96
CA GLU A 44 -15.52 18.46 9.75
C GLU A 44 -15.76 19.71 8.90
N GLU A 45 -14.81 20.00 8.00
CA GLU A 45 -14.92 21.08 7.01
C GLU A 45 -16.13 20.95 6.11
N GLY A 46 -16.50 19.73 5.74
CA GLY A 46 -17.66 19.51 4.89
C GLY A 46 -17.70 20.40 3.66
N ASP A 47 -18.80 21.14 3.49
CA ASP A 47 -18.98 21.94 2.29
C ASP A 47 -18.19 23.26 2.31
N LYS A 48 -17.43 23.49 3.38
CA LYS A 48 -16.56 24.65 3.46
C LYS A 48 -15.07 24.28 3.34
N THR A 49 -14.74 23.06 2.92
CA THR A 49 -13.33 22.67 2.83
C THR A 49 -12.59 23.48 1.76
N PRO A 50 -11.34 23.85 1.99
CA PRO A 50 -10.52 24.36 0.86
C PRO A 50 -9.91 23.26 -0.07
N ALA A 51 -10.03 21.99 0.32
CA ALA A 51 -9.49 20.87 -0.51
C ALA A 51 -10.26 20.64 -1.80
N ASP A 52 -9.50 20.43 -2.89
CA ASP A 52 -10.04 20.03 -4.17
C ASP A 52 -9.87 18.53 -4.39
N VAL A 53 -8.72 17.98 -4.01
CA VAL A 53 -8.39 16.57 -4.21
C VAL A 53 -7.81 15.99 -2.92
N PHE A 54 -8.22 14.77 -2.58
CA PHE A 54 -7.61 13.95 -1.54
C PHE A 54 -6.82 12.78 -2.18
N TYR A 55 -5.51 12.83 -1.94
CA TYR A 55 -4.50 11.91 -2.45
C TYR A 55 -3.99 11.10 -1.28
N THR A 56 -4.25 9.81 -1.28
CA THR A 56 -3.96 9.00 -0.10
C THR A 56 -3.17 7.71 -0.46
N GLU A 57 -2.35 7.26 0.50
CA GLU A 57 -1.68 5.97 0.42
C GLU A 57 -2.64 4.86 0.65
N GLN A 58 -3.80 5.14 1.23
CA GLN A 58 -4.74 4.07 1.55
C GLN A 58 -6.22 4.34 1.14
N THR A 59 -6.69 3.63 0.11
CA THR A 59 -8.06 3.79 -0.42
C THR A 59 -9.18 3.58 0.63
N ALA A 60 -8.84 2.93 1.74
CA ALA A 60 -9.88 2.66 2.77
C ALA A 60 -10.46 3.91 3.43
N THR A 61 -9.70 5.00 3.46
CA THR A 61 -10.21 6.27 4.01
C THR A 61 -11.28 6.89 3.17
N PHE A 62 -11.39 6.48 1.91
CA PHE A 62 -12.46 6.88 1.03
C PHE A 62 -13.83 6.37 1.32
N ALA A 63 -13.95 5.18 1.90
CA ALA A 63 -15.29 4.61 2.08
C ALA A 63 -16.20 5.50 2.95
N ASP A 64 -15.66 6.05 4.04
CA ASP A 64 -16.45 6.86 4.99
C ASP A 64 -16.76 8.25 4.40
N LEU A 65 -15.81 8.76 3.63
CA LEU A 65 -16.00 10.04 2.98
C LEU A 65 -17.09 9.90 1.90
N SER A 66 -17.13 8.75 1.23
CA SER A 66 -18.14 8.46 0.19
C SER A 66 -19.51 8.32 0.77
N GLU A 67 -19.54 7.59 1.86
CA GLU A 67 -20.77 7.31 2.58
C GLU A 67 -21.34 8.56 3.25
N ALA A 68 -20.47 9.48 3.67
CA ALA A 68 -20.86 10.81 4.10
C ALA A 68 -21.23 11.82 3.00
N GLY A 69 -21.10 11.41 1.73
CA GLY A 69 -21.60 12.20 0.62
C GLY A 69 -20.64 13.33 0.22
N LEU A 70 -19.35 13.16 0.47
CA LEU A 70 -18.38 14.24 0.33
C LEU A 70 -17.48 14.11 -0.91
N LEU A 71 -17.66 13.05 -1.70
CA LEU A 71 -16.85 12.83 -2.90
C LEU A 71 -17.65 13.01 -4.14
N ALA A 72 -17.02 13.63 -5.14
CA ALA A 72 -17.54 13.79 -6.46
C ALA A 72 -17.31 12.51 -7.29
N PRO A 73 -18.24 12.25 -8.20
CA PRO A 73 -18.08 11.20 -9.20
C PRO A 73 -16.86 11.46 -10.04
N ILE A 74 -16.16 10.41 -10.49
CA ILE A 74 -15.01 10.59 -11.37
C ILE A 74 -15.47 10.01 -12.72
N SER A 75 -14.86 10.44 -13.82
CA SER A 75 -15.20 9.91 -15.15
C SER A 75 -14.99 8.40 -15.18
N GLU A 76 -15.94 7.72 -15.81
CA GLU A 76 -15.89 6.31 -16.10
C GLU A 76 -14.65 5.97 -16.95
N GLN A 77 -14.32 6.83 -17.89
CA GLN A 77 -13.15 6.58 -18.73
C GLN A 77 -11.86 6.54 -17.88
N THR A 78 -11.80 7.43 -16.88
CA THR A 78 -10.64 7.52 -16.01
C THR A 78 -10.55 6.31 -15.06
N ILE A 79 -11.68 5.94 -14.47
CA ILE A 79 -11.78 4.75 -13.63
C ILE A 79 -11.29 3.48 -14.37
N GLN A 80 -11.72 3.31 -15.63
CA GLN A 80 -11.32 2.15 -16.43
C GLN A 80 -9.84 2.06 -16.69
N GLN A 81 -9.11 3.16 -16.65
CA GLN A 81 -7.67 3.15 -16.87
C GLN A 81 -6.88 2.24 -15.88
N THR A 82 -7.31 2.21 -14.62
CA THR A 82 -6.64 1.38 -13.61
C THR A 82 -7.49 0.19 -13.19
N ALA A 83 -8.57 -0.14 -13.94
CA ALA A 83 -9.50 -1.17 -13.47
C ALA A 83 -9.14 -2.62 -13.86
N GLN A 84 -7.88 -3.00 -13.67
CA GLN A 84 -7.44 -4.40 -13.73
C GLN A 84 -8.22 -5.26 -12.74
N LYS A 85 -8.35 -6.54 -13.07
CA LYS A 85 -8.98 -7.53 -12.20
C LYS A 85 -8.25 -7.54 -10.84
N GLY A 86 -9.02 -7.43 -9.76
CA GLY A 86 -8.46 -7.40 -8.42
C GLY A 86 -8.37 -5.99 -7.81
N VAL A 87 -8.40 -4.94 -8.64
CA VAL A 87 -8.23 -3.55 -8.16
C VAL A 87 -9.58 -3.12 -7.58
N PRO A 88 -9.62 -2.64 -6.33
CA PRO A 88 -10.82 -2.07 -5.73
C PRO A 88 -11.43 -0.93 -6.56
N LEU A 89 -12.74 -0.97 -6.60
CA LEU A 89 -13.58 -0.12 -7.39
C LEU A 89 -14.57 0.51 -6.41
N ALA A 90 -14.65 1.84 -6.47
CA ALA A 90 -15.68 2.61 -5.80
C ALA A 90 -17.06 2.23 -6.38
N PRO A 91 -17.95 1.70 -5.54
CA PRO A 91 -19.31 1.38 -6.04
C PRO A 91 -20.08 2.63 -6.51
N LYS A 92 -19.74 3.81 -5.96
CA LYS A 92 -20.39 5.05 -6.37
C LYS A 92 -19.51 5.83 -7.39
N LYS A 93 -18.42 5.22 -7.83
CA LYS A 93 -17.59 5.76 -8.88
C LYS A 93 -17.04 7.13 -8.48
N ASP A 94 -16.72 7.29 -7.19
CA ASP A 94 -16.34 8.55 -6.57
C ASP A 94 -14.96 8.53 -5.89
N TRP A 95 -14.12 7.58 -6.29
CA TRP A 95 -12.69 7.61 -6.04
C TRP A 95 -12.03 6.59 -6.96
N ILE A 96 -10.71 6.64 -7.03
CA ILE A 96 -9.98 5.81 -7.92
C ILE A 96 -8.71 5.28 -7.28
N ALA A 97 -8.44 3.97 -7.50
CA ALA A 97 -7.16 3.35 -7.09
C ALA A 97 -6.10 3.56 -8.18
N LEU A 98 -4.87 3.91 -7.78
CA LEU A 98 -3.81 4.35 -8.70
C LEU A 98 -2.56 3.50 -8.66
N SER A 99 -2.19 3.01 -7.48
CA SER A 99 -0.98 2.23 -7.31
C SER A 99 -1.12 1.33 -6.07
N GLY A 100 -0.32 0.28 -6.03
CA GLY A 100 -0.28 -0.59 -4.88
C GLY A 100 1.12 -0.89 -4.32
N ARG A 101 1.15 -1.26 -3.04
CA ARG A 101 2.33 -1.88 -2.41
C ARG A 101 2.01 -3.28 -1.82
N SER A 102 2.94 -4.21 -2.00
CA SER A 102 2.71 -5.63 -1.71
C SER A 102 3.53 -6.00 -0.50
N ARG A 103 2.95 -6.85 0.32
CA ARG A 103 3.68 -7.68 1.22
C ARG A 103 4.55 -8.69 0.43
N VAL A 104 5.74 -8.93 0.97
CA VAL A 104 6.65 -9.91 0.39
C VAL A 104 7.46 -10.62 1.46
N VAL A 105 8.14 -11.71 1.10
CA VAL A 105 9.12 -12.36 1.98
C VAL A 105 10.48 -12.14 1.39
N VAL A 106 11.28 -11.34 2.07
CA VAL A 106 12.66 -11.16 1.66
C VAL A 106 13.48 -12.30 2.27
N TYR A 107 14.34 -12.91 1.46
CA TYR A 107 15.24 -13.96 1.94
C TYR A 107 16.71 -13.85 1.48
N ASP A 108 17.59 -14.27 2.35
CA ASP A 108 19.03 -14.34 2.02
C ASP A 108 19.18 -15.53 1.11
N HIS A 109 19.36 -15.28 -0.18
CA HIS A 109 19.47 -16.37 -1.18
C HIS A 109 20.77 -17.24 -1.10
N THR A 110 21.73 -16.88 -0.23
CA THR A 110 22.93 -17.73 -0.04
C THR A 110 22.75 -18.71 1.10
N LYS A 111 21.63 -18.58 1.84
CA LYS A 111 21.21 -19.50 2.93
C LYS A 111 19.90 -20.27 2.65
N LEU A 112 19.02 -19.69 1.85
CA LEU A 112 17.74 -20.30 1.49
C LEU A 112 17.44 -20.10 -0.02
N SER A 113 16.55 -20.94 -0.55
CA SER A 113 16.16 -20.90 -1.98
C SER A 113 14.65 -20.75 -2.08
N GLU A 114 14.14 -20.55 -3.29
CA GLU A 114 12.72 -20.47 -3.47
C GLU A 114 12.04 -21.76 -2.94
N LYS A 115 12.65 -22.93 -3.09
CA LYS A 115 12.02 -24.21 -2.65
C LYS A 115 11.89 -24.42 -1.11
N ASP A 116 12.64 -23.65 -0.33
CA ASP A 116 12.45 -23.61 1.13
C ASP A 116 11.25 -22.80 1.58
N MET A 117 10.69 -22.00 0.67
CA MET A 117 9.64 -21.03 1.01
C MET A 117 8.28 -21.68 1.20
N GLU A 118 7.33 -20.94 1.78
CA GLU A 118 6.02 -21.51 2.09
C GLU A 118 4.94 -21.03 1.13
N LYS A 119 3.91 -21.85 1.00
CA LYS A 119 2.71 -21.56 0.22
C LYS A 119 1.78 -20.54 0.86
N SER A 120 1.93 -20.31 2.16
CA SER A 120 1.08 -19.36 2.87
C SER A 120 1.92 -18.58 3.84
N VAL A 121 1.58 -17.31 4.06
CA VAL A 121 2.15 -16.50 5.14
C VAL A 121 1.88 -17.13 6.51
N LEU A 122 0.79 -17.88 6.61
CA LEU A 122 0.45 -18.57 7.85
C LEU A 122 1.57 -19.51 8.27
N ASP A 123 2.28 -20.08 7.27
CA ASP A 123 3.31 -21.10 7.55
C ASP A 123 4.61 -20.61 8.14
N TYR A 124 4.85 -19.31 8.01
CA TYR A 124 6.03 -18.72 8.54
C TYR A 124 5.99 -18.56 10.05
N ALA A 125 4.81 -18.52 10.68
CA ALA A 125 4.69 -18.32 12.09
C ALA A 125 4.64 -19.66 12.84
N THR A 126 5.52 -20.59 12.46
CA THR A 126 5.53 -21.95 13.00
C THR A 126 6.99 -22.36 13.39
N PRO A 127 7.15 -23.44 14.14
CA PRO A 127 8.50 -23.80 14.64
C PRO A 127 9.57 -24.07 13.59
N LYS A 128 9.21 -24.36 12.34
CA LYS A 128 10.24 -24.63 11.32
C LYS A 128 11.00 -23.35 11.02
N TRP A 129 10.39 -22.22 11.39
CA TRP A 129 10.96 -20.88 11.21
C TRP A 129 11.50 -20.22 12.48
N LYS A 130 11.64 -20.98 13.56
CA LYS A 130 12.08 -20.40 14.83
C LYS A 130 13.44 -19.77 14.64
N GLY A 131 13.57 -18.51 15.06
CA GLY A 131 14.81 -17.78 14.88
C GLY A 131 15.19 -17.37 13.46
N LYS A 132 14.29 -17.52 12.50
CA LYS A 132 14.64 -17.51 11.10
C LYS A 132 13.78 -16.55 10.26
N ILE A 133 12.75 -15.97 10.88
CA ILE A 133 11.83 -15.03 10.21
C ILE A 133 11.78 -13.72 11.00
N GLY A 134 12.11 -12.62 10.37
CA GLY A 134 11.87 -11.32 10.95
C GLY A 134 10.46 -10.82 10.63
N TYR A 135 9.89 -10.09 11.58
CA TYR A 135 8.66 -9.37 11.42
C TYR A 135 8.74 -7.99 12.16
N VAL A 136 7.81 -7.11 11.85
CA VAL A 136 7.75 -5.74 12.38
C VAL A 136 6.30 -5.52 12.88
N SER A 137 6.04 -5.68 14.17
CA SER A 137 4.66 -5.64 14.67
C SER A 137 4.09 -4.22 14.75
N THR A 138 4.97 -3.25 14.70
CA THR A 138 4.60 -1.85 14.93
C THR A 138 4.22 -1.18 13.59
N SER A 139 4.37 -1.91 12.46
CA SER A 139 4.14 -1.27 11.15
C SER A 139 2.67 -1.14 10.79
N GLY A 140 2.36 -0.09 10.04
CA GLY A 140 1.01 0.12 9.55
C GLY A 140 0.63 -1.03 8.65
N ALA A 141 1.58 -1.53 7.87
CA ALA A 141 1.33 -2.63 6.97
C ALA A 141 1.09 -3.93 7.72
N PHE A 142 1.65 -4.04 8.92
CA PHE A 142 1.50 -5.26 9.73
C PHE A 142 0.07 -5.30 10.24
N LEU A 143 -0.39 -4.18 10.77
CA LEU A 143 -1.77 -4.04 11.21
C LEU A 143 -2.76 -4.44 10.13
N GLU A 144 -2.55 -3.95 8.91
CA GLU A 144 -3.37 -4.29 7.77
C GLU A 144 -3.34 -5.79 7.48
N GLN A 145 -2.18 -6.41 7.67
CA GLN A 145 -2.01 -7.84 7.40
C GLN A 145 -2.89 -8.61 8.37
N VAL A 146 -2.92 -8.14 9.61
CA VAL A 146 -3.77 -8.81 10.65
C VAL A 146 -5.25 -8.74 10.27
N VAL A 147 -5.70 -7.56 9.90
CA VAL A 147 -7.11 -7.33 9.52
C VAL A 147 -7.52 -8.29 8.40
N ALA A 148 -6.71 -8.38 7.34
CA ALA A 148 -6.98 -9.26 6.22
C ALA A 148 -7.09 -10.72 6.64
N LEU A 149 -6.15 -11.19 7.44
CA LEU A 149 -6.21 -12.53 7.98
C LEU A 149 -7.49 -12.79 8.80
N SER A 150 -7.85 -11.83 9.64
CA SER A 150 -9.07 -11.90 10.43
C SER A 150 -10.28 -12.01 9.49
N LYS A 151 -10.31 -11.21 8.45
CA LYS A 151 -11.43 -11.18 7.51
C LYS A 151 -11.52 -12.42 6.61
N MET A 152 -10.37 -12.93 6.16
CA MET A 152 -10.30 -14.06 5.24
C MET A 152 -10.35 -15.40 5.94
N LYS A 153 -9.71 -15.52 7.11
CA LYS A 153 -9.54 -16.82 7.78
C LYS A 153 -10.14 -16.86 9.20
N GLY A 154 -10.69 -15.73 9.68
CA GLY A 154 -11.31 -15.63 11.00
C GLY A 154 -10.30 -15.36 12.11
N ASP A 155 -10.80 -14.94 13.28
CA ASP A 155 -9.97 -14.44 14.38
C ASP A 155 -9.06 -15.47 15.04
N LYS A 156 -9.47 -16.71 15.10
CA LYS A 156 -8.65 -17.74 15.75
C LYS A 156 -7.35 -18.01 14.96
N VAL A 157 -7.46 -18.08 13.64
CA VAL A 157 -6.29 -18.15 12.75
C VAL A 157 -5.35 -16.94 12.89
N ALA A 158 -5.91 -15.72 12.92
CA ALA A 158 -5.06 -14.52 13.05
C ALA A 158 -4.33 -14.52 14.37
N LEU A 159 -5.05 -14.82 15.45
CA LEU A 159 -4.43 -14.87 16.76
C LEU A 159 -3.36 -15.93 16.82
N ASN A 160 -3.60 -17.11 16.22
CA ASN A 160 -2.61 -18.19 16.16
C ASN A 160 -1.31 -17.81 15.40
N TRP A 161 -1.47 -17.09 14.31
CA TRP A 161 -0.37 -16.50 13.54
C TRP A 161 0.44 -15.55 14.39
N LEU A 162 -0.24 -14.64 15.08
CA LEU A 162 0.45 -13.64 15.93
C LEU A 162 1.22 -14.32 17.09
N LYS A 163 0.58 -15.31 17.70
CA LYS A 163 1.22 -16.14 18.74
C LYS A 163 2.43 -16.88 18.19
N GLY A 164 2.29 -17.43 16.99
CA GLY A 164 3.41 -18.07 16.30
C GLY A 164 4.60 -17.16 16.02
N LEU A 165 4.31 -15.91 15.67
CA LEU A 165 5.36 -14.91 15.42
C LEU A 165 6.06 -14.56 16.73
N LYS A 166 5.27 -14.36 17.77
CA LYS A 166 5.82 -14.15 19.09
C LYS A 166 6.78 -15.28 19.53
N GLU A 167 6.37 -16.55 19.36
CA GLU A 167 7.14 -17.75 19.76
C GLU A 167 8.38 -17.90 18.86
N ASN A 168 8.20 -17.69 17.56
CA ASN A 168 9.23 -18.06 16.54
C ASN A 168 9.98 -16.93 15.77
N GLY A 169 9.36 -15.77 15.69
CA GLY A 169 9.89 -14.66 14.92
C GLY A 169 10.90 -13.81 15.68
N LYS A 170 11.72 -13.10 14.92
CA LYS A 170 12.63 -12.08 15.43
C LYS A 170 11.96 -10.73 15.16
N LEU A 171 11.67 -9.97 16.19
CA LEU A 171 10.97 -8.69 16.06
C LEU A 171 11.96 -7.57 15.74
N TYR A 172 11.70 -6.83 14.66
CA TYR A 172 12.50 -5.65 14.27
C TYR A 172 11.64 -4.37 14.36
N ALA A 173 12.30 -3.23 14.60
CA ALA A 173 11.58 -1.99 14.85
C ALA A 173 10.91 -1.43 13.59
N LYS A 174 11.51 -1.64 12.43
CA LYS A 174 11.00 -1.12 11.17
C LYS A 174 11.32 -2.06 10.02
N ASN A 175 10.62 -1.88 8.91
CA ASN A 175 10.86 -2.66 7.70
C ASN A 175 12.27 -2.56 7.14
N SER A 176 12.84 -1.37 7.12
CA SER A 176 14.22 -1.21 6.63
C SER A 176 15.28 -1.92 7.52
N VAL A 177 15.04 -1.97 8.82
CA VAL A 177 15.93 -2.66 9.78
C VAL A 177 15.85 -4.18 9.59
N ALA A 178 14.62 -4.65 9.35
CA ALA A 178 14.37 -6.05 9.02
C ALA A 178 15.16 -6.45 7.77
N LEU A 179 15.10 -5.63 6.74
CA LEU A 179 15.85 -5.91 5.53
C LEU A 179 17.35 -5.94 5.79
N GLN A 180 17.84 -4.97 6.59
CA GLN A 180 19.28 -4.89 6.87
C GLN A 180 19.74 -6.16 7.59
N ALA A 181 18.96 -6.64 8.56
CA ALA A 181 19.27 -7.84 9.29
C ALA A 181 19.36 -9.04 8.35
N VAL A 182 18.52 -9.07 7.30
CA VAL A 182 18.61 -10.20 6.36
C VAL A 182 19.89 -10.09 5.52
N GLU A 183 20.20 -8.87 5.09
CA GLU A 183 21.39 -8.58 4.28
C GLU A 183 22.66 -8.85 5.10
N ASN A 184 22.58 -8.59 6.40
CA ASN A 184 23.72 -8.70 7.30
C ASN A 184 23.98 -10.12 7.78
N GLY A 185 23.08 -11.08 7.46
CA GLY A 185 23.20 -12.43 7.97
C GLY A 185 22.63 -12.69 9.38
N GLU A 186 21.94 -11.71 9.96
CA GLU A 186 21.36 -11.87 11.31
C GLU A 186 20.13 -12.80 11.32
N VAL A 187 19.33 -12.74 10.25
CA VAL A 187 18.15 -13.62 10.12
C VAL A 187 18.05 -13.91 8.62
N PRO A 188 17.71 -15.16 8.27
CA PRO A 188 17.70 -15.56 6.85
C PRO A 188 16.49 -15.06 6.07
N ALA A 189 15.43 -14.61 6.74
CA ALA A 189 14.24 -14.11 6.02
C ALA A 189 13.45 -13.19 6.92
N ALA A 190 12.60 -12.35 6.30
CA ALA A 190 11.66 -11.47 7.00
C ALA A 190 10.39 -11.16 6.18
N LEU A 191 9.34 -10.76 6.89
CA LEU A 191 8.13 -10.24 6.24
C LEU A 191 8.18 -8.71 6.13
N ILE A 192 8.13 -8.19 4.90
CA ILE A 192 8.27 -6.74 4.70
C ILE A 192 7.38 -6.26 3.55
N LEU A 193 7.52 -4.99 3.19
CA LEU A 193 6.89 -4.38 2.01
C LEU A 193 7.90 -4.36 0.88
N ASN A 194 7.37 -4.59 -0.32
CA ASN A 194 8.15 -4.74 -1.55
C ASN A 194 9.18 -3.59 -1.80
N TYR A 195 8.73 -2.36 -1.61
CA TYR A 195 9.46 -1.18 -2.07
C TYR A 195 10.75 -1.00 -1.26
N TYR A 196 10.83 -1.44 0.00
CA TYR A 196 12.13 -1.35 0.73
C TYR A 196 13.22 -2.11 -0.03
N TRP A 197 12.89 -3.30 -0.54
CA TRP A 197 13.86 -4.11 -1.23
C TRP A 197 14.20 -3.53 -2.63
N TYR A 198 13.20 -3.10 -3.39
CA TYR A 198 13.45 -2.55 -4.71
C TYR A 198 14.29 -1.27 -4.65
N ASN A 199 14.10 -0.50 -3.57
CA ASN A 199 14.86 0.71 -3.32
C ASN A 199 16.33 0.33 -3.13
N LEU A 200 16.57 -0.69 -2.32
CA LEU A 200 17.96 -1.10 -2.05
C LEU A 200 18.63 -1.64 -3.34
N ALA A 201 17.89 -2.44 -4.10
CA ALA A 201 18.37 -3.07 -5.32
C ALA A 201 18.64 -2.05 -6.42
N LYS A 202 17.76 -1.05 -6.56
CA LYS A 202 17.95 0.06 -7.51
C LYS A 202 19.24 0.82 -7.18
N GLU A 203 19.44 1.08 -5.89
CA GLU A 203 20.61 1.74 -5.34
C GLU A 203 21.97 0.97 -5.41
N LYS A 204 21.94 -0.37 -5.34
CA LYS A 204 23.12 -1.22 -5.13
C LYS A 204 23.44 -2.18 -6.28
N GLY A 205 22.41 -2.57 -7.01
CA GLY A 205 22.48 -3.61 -8.00
C GLY A 205 22.13 -4.94 -7.35
N VAL A 206 21.10 -5.59 -7.87
CA VAL A 206 20.66 -6.90 -7.37
C VAL A 206 21.82 -7.90 -7.20
N GLU A 207 22.76 -7.93 -8.14
CA GLU A 207 23.86 -8.88 -8.11
C GLU A 207 24.78 -8.67 -6.89
N ASN A 208 24.78 -7.46 -6.32
CA ASN A 208 25.46 -7.15 -5.08
C ASN A 208 24.67 -7.32 -3.76
N LEU A 209 23.44 -7.85 -3.84
CA LEU A 209 22.62 -8.15 -2.66
C LEU A 209 22.57 -9.67 -2.43
N LYS A 210 22.66 -10.06 -1.19
CA LYS A 210 22.41 -11.41 -0.79
C LYS A 210 20.91 -11.71 -0.92
N SER A 211 20.05 -10.71 -0.68
CA SER A 211 18.65 -10.97 -0.55
C SER A 211 17.94 -10.95 -1.91
N ARG A 212 16.87 -11.75 -1.95
CA ARG A 212 15.89 -11.89 -3.02
C ARG A 212 14.49 -11.88 -2.42
N LEU A 213 13.49 -11.77 -3.26
CA LEU A 213 12.10 -11.64 -2.85
C LEU A 213 11.36 -12.91 -3.28
N TYR A 214 10.54 -13.40 -2.37
CA TYR A 214 9.57 -14.43 -2.68
C TYR A 214 8.17 -13.82 -2.50
N PHE A 215 7.36 -13.78 -3.53
CA PHE A 215 5.91 -13.46 -3.46
C PHE A 215 5.05 -14.72 -3.29
N VAL A 216 4.11 -14.68 -2.34
CA VAL A 216 3.28 -15.87 -2.06
C VAL A 216 2.26 -16.16 -3.13
N ARG A 217 1.58 -15.08 -3.57
CA ARG A 217 0.63 -15.16 -4.70
C ARG A 217 -0.59 -16.02 -4.34
N HIS A 218 -1.26 -16.55 -5.37
CA HIS A 218 -2.51 -17.35 -5.33
C HIS A 218 -3.56 -16.90 -4.31
N GLN A 219 -3.68 -15.58 -4.21
CA GLN A 219 -4.62 -14.90 -3.31
C GLN A 219 -4.53 -15.24 -1.81
N ASP A 220 -3.33 -15.66 -1.38
CA ASP A 220 -3.05 -15.90 0.04
C ASP A 220 -3.13 -14.58 0.79
N PRO A 221 -3.46 -14.60 2.08
CA PRO A 221 -3.39 -13.36 2.89
C PRO A 221 -2.03 -12.65 2.78
N GLY A 222 -0.92 -13.38 2.62
CA GLY A 222 0.37 -12.71 2.53
C GLY A 222 0.66 -12.15 1.17
N ALA A 223 -0.24 -12.31 0.21
CA ALA A 223 -0.18 -11.59 -1.08
C ALA A 223 -0.94 -10.25 -1.07
N LEU A 224 -1.46 -9.89 0.10
CA LEU A 224 -2.13 -8.61 0.34
C LEU A 224 -1.42 -7.42 -0.29
N VAL A 225 -2.17 -6.73 -1.13
CA VAL A 225 -1.76 -5.47 -1.66
C VAL A 225 -2.56 -4.35 -0.99
N SER A 226 -1.89 -3.28 -0.56
CA SER A 226 -2.53 -2.06 -0.09
C SER A 226 -2.50 -0.96 -1.18
N TYR A 227 -3.64 -0.31 -1.39
CA TYR A 227 -3.79 0.55 -2.58
C TYR A 227 -3.85 2.05 -2.24
N SER A 228 -3.12 2.86 -3.01
CA SER A 228 -3.21 4.32 -2.99
C SER A 228 -4.17 4.77 -4.07
N GLY A 229 -4.69 5.98 -3.94
CA GLY A 229 -5.75 6.47 -4.77
C GLY A 229 -6.00 7.94 -4.59
N ALA A 230 -7.05 8.40 -5.27
CA ALA A 230 -7.42 9.78 -5.21
C ALA A 230 -8.91 9.97 -5.37
N ALA A 231 -9.38 11.08 -4.83
CA ALA A 231 -10.75 11.53 -4.95
C ALA A 231 -10.81 13.06 -5.07
N VAL A 232 -11.86 13.55 -5.70
CA VAL A 232 -12.21 14.94 -5.85
C VAL A 232 -13.29 15.18 -4.77
N LEU A 233 -13.11 16.25 -4.01
CA LEU A 233 -14.10 16.61 -3.01
C LEU A 233 -15.33 17.25 -3.65
N LYS A 234 -16.51 16.80 -3.25
CA LYS A 234 -17.79 17.25 -3.84
C LYS A 234 -17.94 18.76 -3.67
N ALA A 235 -17.37 19.27 -2.57
CA ALA A 235 -17.47 20.69 -2.20
C ALA A 235 -16.49 21.63 -2.93
N SER A 236 -15.53 21.07 -3.65
CA SER A 236 -14.59 21.89 -4.35
C SER A 236 -15.30 22.84 -5.26
N LYS A 237 -14.88 24.10 -5.19
CA LYS A 237 -15.29 25.17 -6.10
C LYS A 237 -14.37 25.25 -7.34
N ASN A 238 -13.54 24.21 -7.54
CA ASN A 238 -12.70 24.13 -8.75
C ASN A 238 -12.75 22.67 -9.27
N GLN A 239 -13.97 22.21 -9.57
CA GLN A 239 -14.21 20.86 -10.06
C GLN A 239 -13.37 20.51 -11.30
N ALA A 240 -13.33 21.43 -12.26
CA ALA A 240 -12.70 21.18 -13.54
C ALA A 240 -11.25 20.82 -13.35
N GLU A 241 -10.51 21.65 -12.61
CA GLU A 241 -9.07 21.44 -12.40
C GLU A 241 -8.77 20.24 -11.50
N ALA A 242 -9.69 19.95 -10.57
CA ALA A 242 -9.59 18.82 -9.65
C ALA A 242 -9.73 17.53 -10.42
N GLN A 243 -10.75 17.49 -11.29
CA GLN A 243 -10.97 16.35 -12.18
C GLN A 243 -9.84 16.18 -13.16
N LYS A 244 -9.26 17.26 -13.67
CA LYS A 244 -8.09 17.12 -14.53
C LYS A 244 -6.87 16.53 -13.80
N PHE A 245 -6.67 16.90 -12.54
CA PHE A 245 -5.57 16.32 -11.76
C PHE A 245 -5.79 14.79 -11.61
N VAL A 246 -6.98 14.40 -11.14
CA VAL A 246 -7.27 12.96 -10.99
C VAL A 246 -7.13 12.22 -12.34
N ASP A 247 -7.62 12.77 -13.46
CA ASP A 247 -7.45 12.11 -14.79
C ASP A 247 -5.96 12.00 -15.12
N PHE A 248 -5.23 13.05 -14.86
CA PHE A 248 -3.76 12.99 -15.02
C PHE A 248 -3.09 11.85 -14.20
N LEU A 249 -3.51 11.64 -12.99
CA LEU A 249 -2.96 10.58 -12.17
C LEU A 249 -3.26 9.23 -12.76
N ALA A 250 -4.42 9.10 -13.38
CA ALA A 250 -4.77 7.85 -14.05
C ALA A 250 -4.13 7.72 -15.46
N SER A 251 -3.49 8.78 -15.96
CA SER A 251 -2.93 8.77 -17.31
C SER A 251 -1.57 8.09 -17.33
N LYS A 252 -1.15 7.69 -18.54
CA LYS A 252 0.14 7.06 -18.74
C LYS A 252 1.21 7.90 -18.16
N LYS A 253 1.14 9.24 -18.38
CA LYS A 253 2.21 10.13 -17.89
C LYS A 253 2.18 10.29 -16.37
N GLY A 254 0.98 10.34 -15.80
CA GLY A 254 0.87 10.51 -14.38
C GLY A 254 1.42 9.27 -13.71
N GLN A 255 1.09 8.10 -14.25
CA GLN A 255 1.54 6.82 -13.70
C GLN A 255 3.04 6.67 -13.83
N GLU A 256 3.56 7.11 -14.99
CA GLU A 256 5.01 7.12 -15.20
C GLU A 256 5.71 8.00 -14.20
N ALA A 257 5.18 9.18 -13.92
CA ALA A 257 5.78 10.01 -12.85
C ALA A 257 5.74 9.35 -11.45
N LEU A 258 4.66 8.63 -11.11
CA LEU A 258 4.57 8.02 -9.77
C LEU A 258 5.69 6.96 -9.64
N VAL A 259 5.78 6.08 -10.61
CA VAL A 259 6.68 4.94 -10.50
C VAL A 259 8.14 5.28 -10.64
N ALA A 260 8.43 6.48 -11.18
CA ALA A 260 9.76 7.06 -11.16
C ALA A 260 10.16 7.45 -9.76
N ALA A 261 9.22 8.01 -9.00
CA ALA A 261 9.50 8.52 -7.66
C ALA A 261 9.44 7.45 -6.55
N ARG A 262 8.71 6.37 -6.77
CA ARG A 262 8.42 5.43 -5.68
C ARG A 262 8.09 4.04 -6.25
N ALA A 263 8.56 3.02 -5.56
CA ALA A 263 8.45 1.62 -6.04
C ALA A 263 7.10 0.95 -5.76
N GLU A 264 6.00 1.65 -6.09
CA GLU A 264 4.68 1.04 -6.15
C GLU A 264 4.29 0.53 -7.54
N TYR A 265 3.36 -0.42 -7.53
CA TYR A 265 2.88 -1.07 -8.71
C TYR A 265 1.92 -0.08 -9.33
N PRO A 266 2.18 0.31 -10.58
CA PRO A 266 1.17 1.05 -11.36
C PRO A 266 0.03 0.16 -11.67
N LEU A 267 -1.16 0.74 -11.77
CA LEU A 267 -2.31 -0.06 -12.05
C LEU A 267 -2.79 0.00 -13.50
N ARG A 268 -2.28 0.94 -14.28
CA ARG A 268 -2.37 0.91 -15.74
C ARG A 268 -1.59 -0.30 -16.28
N ALA A 269 -2.13 -0.96 -17.29
CA ALA A 269 -1.54 -2.18 -17.81
C ALA A 269 -0.40 -1.92 -18.79
N ASP A 270 -0.22 -0.65 -19.17
CA ASP A 270 0.73 -0.27 -20.22
C ASP A 270 1.87 0.56 -19.69
N VAL A 271 2.08 0.52 -18.38
CA VAL A 271 3.17 1.25 -17.74
C VAL A 271 4.04 0.24 -16.99
N VAL A 272 5.35 0.40 -17.16
CA VAL A 272 6.38 -0.43 -16.57
C VAL A 272 7.18 0.41 -15.61
N SER A 273 7.46 -0.17 -14.43
CA SER A 273 8.23 0.50 -13.40
C SER A 273 9.74 0.43 -13.69
N PRO A 274 10.45 1.56 -13.54
CA PRO A 274 11.92 1.59 -13.62
C PRO A 274 12.66 0.86 -12.49
N PHE A 275 11.90 0.44 -11.47
CA PHE A 275 12.44 -0.31 -10.36
C PHE A 275 12.43 -1.80 -10.70
N ASN A 276 11.83 -2.13 -11.85
CA ASN A 276 11.75 -3.49 -12.39
C ASN A 276 10.76 -4.36 -11.57
N LEU A 277 9.63 -3.75 -11.16
CA LEU A 277 8.56 -4.50 -10.46
C LEU A 277 7.91 -5.46 -11.44
N GLU A 278 7.48 -6.64 -10.98
CA GLU A 278 6.55 -7.43 -11.78
C GLU A 278 5.23 -6.66 -12.05
N PRO A 279 4.57 -7.05 -13.15
CA PRO A 279 3.20 -6.60 -13.39
C PRO A 279 2.27 -6.91 -12.20
N TYR A 280 1.44 -5.93 -11.89
CA TYR A 280 0.44 -6.08 -10.85
C TYR A 280 -0.31 -7.44 -10.90
N GLU A 281 -0.82 -7.83 -12.07
CA GLU A 281 -1.66 -9.01 -12.19
C GLU A 281 -0.94 -10.29 -11.76
N LYS A 282 0.40 -10.32 -11.91
CA LYS A 282 1.19 -11.49 -11.54
C LYS A 282 1.25 -11.66 -10.03
N LEU A 283 0.98 -10.58 -9.28
CA LEU A 283 0.92 -10.66 -7.81
C LEU A 283 -0.18 -11.57 -7.29
N GLU A 284 -1.26 -11.74 -8.06
CA GLU A 284 -2.45 -12.52 -7.61
C GLU A 284 -2.91 -12.14 -6.19
N ALA A 285 -3.04 -10.83 -6.00
CA ALA A 285 -3.47 -10.19 -4.75
C ALA A 285 -4.85 -10.68 -4.41
N PRO A 286 -5.12 -10.89 -3.13
CA PRO A 286 -6.48 -11.29 -2.74
C PRO A 286 -7.39 -10.07 -2.78
N VAL A 287 -8.69 -10.37 -2.77
CA VAL A 287 -9.77 -9.39 -2.72
C VAL A 287 -10.29 -9.26 -1.28
N VAL A 288 -10.07 -8.10 -0.64
CA VAL A 288 -10.35 -7.88 0.78
C VAL A 288 -11.08 -6.54 0.96
N SER A 289 -12.14 -6.52 1.78
CA SER A 289 -12.84 -5.28 2.05
C SER A 289 -11.86 -4.23 2.65
N ALA A 290 -12.24 -2.99 2.51
CA ALA A 290 -11.55 -1.88 3.19
C ALA A 290 -11.37 -2.03 4.73
N THR A 291 -10.16 -1.75 5.19
CA THR A 291 -9.87 -1.57 6.62
C THR A 291 -10.52 -0.31 7.28
N THR A 292 -11.61 -0.51 8.04
CA THR A 292 -12.13 0.57 8.89
C THR A 292 -11.23 0.80 10.10
N ALA A 293 -11.44 1.92 10.79
CA ALA A 293 -10.78 2.20 12.09
C ALA A 293 -11.13 1.20 13.21
N GLN A 294 -12.35 0.65 13.15
CA GLN A 294 -12.79 -0.38 14.09
C GLN A 294 -12.01 -1.68 13.83
N ASP A 295 -11.75 -1.94 12.54
CA ASP A 295 -10.91 -3.05 12.08
C ASP A 295 -9.53 -2.86 12.67
N LYS A 296 -8.95 -1.68 12.55
CA LYS A 296 -7.63 -1.39 13.10
C LYS A 296 -7.61 -1.57 14.65
N GLU A 297 -8.66 -1.13 15.33
CA GLU A 297 -8.72 -1.24 16.81
C GLU A 297 -8.83 -2.74 17.18
N HIS A 298 -9.69 -3.46 16.47
CA HIS A 298 -9.76 -4.91 16.60
C HIS A 298 -8.39 -5.60 16.42
N ALA A 299 -7.64 -5.29 15.36
CA ALA A 299 -6.32 -5.93 15.17
C ALA A 299 -5.35 -5.66 16.35
N ILE A 300 -5.40 -4.43 16.89
CA ILE A 300 -4.60 -4.06 18.05
C ILE A 300 -4.97 -4.89 19.28
N LYS A 301 -6.25 -5.18 19.51
CA LYS A 301 -6.64 -6.10 20.59
C LYS A 301 -6.02 -7.49 20.38
N LEU A 302 -5.96 -7.98 19.13
CA LEU A 302 -5.41 -9.35 18.84
C LEU A 302 -3.92 -9.36 19.06
N ILE A 303 -3.27 -8.29 18.65
CA ILE A 303 -1.81 -8.14 18.83
C ILE A 303 -1.47 -8.15 20.34
N GLU A 304 -2.37 -7.56 21.15
CA GLU A 304 -2.12 -7.38 22.58
C GLU A 304 -2.38 -8.70 23.27
N GLU A 305 -3.50 -9.33 22.96
CA GLU A 305 -3.87 -10.65 23.44
C GLU A 305 -2.82 -11.72 23.09
N ALA A 306 -1.98 -11.45 22.09
CA ALA A 306 -0.88 -12.34 21.70
C ALA A 306 0.44 -12.05 22.45
N GLY A 307 0.49 -10.95 23.22
CA GLY A 307 1.66 -10.63 24.00
C GLY A 307 2.69 -9.86 23.20
N LEU A 308 2.25 -9.23 22.12
CA LEU A 308 3.13 -8.46 21.21
C LEU A 308 3.10 -6.98 21.61
FE FE B . 7.90 2.63 6.59
#